data_5J7M
#
_entry.id   5J7M
#
_cell.length_a   61.162
_cell.length_b   61.162
_cell.length_c   120.973
_cell.angle_alpha   90.000
_cell.angle_beta   90.000
_cell.angle_gamma   120.000
#
_symmetry.space_group_name_H-M   'P 61'
#
loop_
_entity.id
_entity.type
_entity.pdbx_description
1 polymer 'Cupin 2 conserved barrel domain protein'
2 non-polymer ETHANOL
3 non-polymer 'NICKEL (II) ION'
4 non-polymer DI(HYDROXYETHYL)ETHER
5 non-polymer 'ACETATE ION'
6 water water
#
_entity_poly.entity_id   1
_entity_poly.type   'polypeptide(L)'
_entity_poly.pdbx_seq_one_letter_code
;SNA(MSE)RTFDLVTGESLFVNDLRVVRWEQYGLGTA(MSE)PFQA(MSE)WYSVPPGDESPIDQHPELELSIVVAGTAH
VTVGDTVHEVPHGNAFLLNSLEAHVVQNRSADEVLTVFSAYWYPEAATAAAEALA
;
_entity_poly.pdbx_strand_id   A,B
#
loop_
_chem_comp.id
_chem_comp.type
_chem_comp.name
_chem_comp.formula
ACT non-polymer 'ACETATE ION' 'C2 H3 O2 -1'
EOH non-polymer ETHANOL 'C2 H6 O'
NI non-polymer 'NICKEL (II) ION' 'Ni 2'
PEG non-polymer DI(HYDROXYETHYL)ETHER 'C4 H10 O3'
#
# COMPACT_ATOMS: atom_id res chain seq x y z
N ASN A 2 5.19 -10.36 -16.74
CA ASN A 2 5.66 -11.42 -15.84
C ASN A 2 6.61 -10.84 -14.79
N ALA A 3 7.69 -10.21 -15.27
CA ALA A 3 8.72 -9.69 -14.36
C ALA A 3 8.18 -8.52 -13.53
N MSE A 4 7.44 -7.62 -14.17
CA MSE A 4 7.10 -6.31 -13.64
C MSE A 4 5.79 -5.82 -14.24
O MSE A 4 5.62 -5.82 -15.46
CB MSE A 4 8.22 -5.33 -13.96
CG MSE A 4 7.83 -3.89 -13.88
SE MSE A 4 7.90 -3.28 -12.03
CE MSE A 4 8.17 -1.40 -12.44
N ARG A 5 4.84 -5.40 -13.39
CA ARG A 5 3.59 -4.79 -13.83
C ARG A 5 3.41 -3.46 -13.14
N THR A 6 2.86 -2.50 -13.87
CA THR A 6 2.48 -1.23 -13.27
C THR A 6 0.96 -1.09 -13.29
N PHE A 7 0.46 -0.23 -12.40
CA PHE A 7 -0.97 -0.04 -12.27
C PHE A 7 -1.22 1.45 -12.15
N ASP A 8 -2.22 1.94 -12.86
CA ASP A 8 -2.43 3.38 -13.04
C ASP A 8 -3.73 3.80 -12.37
N LEU A 9 -3.60 4.66 -11.35
CA LEU A 9 -4.79 5.14 -10.63
C LEU A 9 -5.73 5.90 -11.55
N VAL A 10 -5.20 6.70 -12.46
CA VAL A 10 -6.04 7.57 -13.26
C VAL A 10 -6.81 6.80 -14.35
N THR A 11 -6.21 5.76 -14.94
CA THR A 11 -6.83 5.07 -16.07
C THR A 11 -7.42 3.72 -15.73
N GLY A 12 -7.27 3.25 -14.49
CA GLY A 12 -7.90 2.00 -14.13
C GLY A 12 -9.40 2.08 -14.28
N GLU A 13 -10.04 0.94 -14.52
CA GLU A 13 -11.50 0.94 -14.51
C GLU A 13 -12.02 1.34 -13.13
N SER A 14 -13.13 2.06 -13.11
CA SER A 14 -13.68 2.60 -11.89
C SER A 14 -15.15 2.22 -11.75
N LEU A 15 -15.62 2.14 -10.52
CA LEU A 15 -17.04 2.24 -10.23
C LEU A 15 -17.19 3.31 -9.17
N PHE A 16 -18.43 3.73 -8.93
CA PHE A 16 -18.71 4.78 -7.97
C PHE A 16 -19.61 4.22 -6.88
N VAL A 17 -19.21 4.45 -5.65
CA VAL A 17 -20.04 4.20 -4.48
C VAL A 17 -20.47 5.58 -4.02
N ASN A 18 -21.73 5.93 -4.29
CA ASN A 18 -22.17 7.32 -4.21
C ASN A 18 -21.23 8.14 -5.07
N ASP A 19 -20.54 9.14 -4.49
CA ASP A 19 -19.63 9.97 -5.26
C ASP A 19 -18.16 9.57 -5.12
N LEU A 20 -17.87 8.47 -4.42
CA LEU A 20 -16.49 8.00 -4.25
C LEU A 20 -16.10 7.13 -5.44
N ARG A 21 -14.94 7.39 -6.01
CA ARG A 21 -14.42 6.65 -7.15
C ARG A 21 -13.57 5.50 -6.62
N VAL A 22 -13.93 4.28 -6.98
CA VAL A 22 -13.26 3.07 -6.52
C VAL A 22 -12.65 2.35 -7.72
N VAL A 23 -11.36 2.07 -7.64
CA VAL A 23 -10.65 1.31 -8.66
C VAL A 23 -10.27 -0.03 -8.02
N ARG A 24 -11.02 -1.08 -8.34
CA ARG A 24 -10.79 -2.40 -7.74
C ARG A 24 -9.74 -3.19 -8.51
N TRP A 25 -8.82 -3.81 -7.78
CA TRP A 25 -7.71 -4.50 -8.45
C TRP A 25 -8.11 -5.87 -9.02
N GLU A 26 -9.32 -6.36 -8.72
CA GLU A 26 -9.85 -7.51 -9.46
C GLU A 26 -9.65 -7.36 -10.96
N GLN A 27 -9.71 -6.13 -11.47
CA GLN A 27 -9.60 -5.90 -12.91
C GLN A 27 -8.23 -6.25 -13.49
N TYR A 28 -7.21 -6.44 -12.67
CA TYR A 28 -5.88 -6.74 -13.19
C TYR A 28 -5.62 -8.23 -13.31
N GLY A 29 -6.53 -9.08 -12.85
CA GLY A 29 -6.40 -10.51 -12.99
C GLY A 29 -5.12 -11.02 -12.36
N LEU A 30 -4.87 -10.64 -11.12
CA LEU A 30 -3.65 -11.05 -10.44
C LEU A 30 -3.78 -12.44 -9.84
N GLY A 31 -5.00 -13.01 -9.88
CA GLY A 31 -5.26 -14.29 -9.29
C GLY A 31 -4.74 -14.42 -7.88
N THR A 32 -3.81 -15.35 -7.71
CA THR A 32 -3.33 -15.81 -6.42
C THR A 32 -1.99 -15.20 -6.00
N ALA A 33 -1.44 -14.27 -6.80
CA ALA A 33 -0.07 -13.80 -6.59
C ALA A 33 0.07 -12.99 -5.32
N MSE A 34 -0.98 -12.27 -4.92
CA MSE A 34 -0.95 -11.44 -3.71
C MSE A 34 -1.81 -12.08 -2.62
O MSE A 34 -2.84 -12.67 -2.91
CB MSE A 34 -1.45 -10.03 -4.03
CG MSE A 34 -0.78 -9.44 -5.28
SE MSE A 34 -0.85 -7.49 -5.41
CE MSE A 34 -2.69 -7.28 -4.81
N PRO A 35 -1.37 -11.97 -1.36
CA PRO A 35 -2.13 -12.59 -0.26
C PRO A 35 -3.20 -11.65 0.30
N PHE A 36 -3.68 -10.73 -0.53
CA PHE A 36 -4.69 -9.79 -0.12
C PHE A 36 -5.38 -9.25 -1.36
N GLN A 37 -6.52 -8.61 -1.16
CA GLN A 37 -7.17 -7.87 -2.23
C GLN A 37 -6.83 -6.39 -2.09
N ALA A 38 -7.05 -5.62 -3.16
CA ALA A 38 -6.67 -4.20 -3.10
C ALA A 38 -7.60 -3.32 -3.94
N MSE A 39 -7.52 -2.03 -3.67
CA MSE A 39 -8.24 -1.00 -4.41
C MSE A 39 -7.64 0.36 -4.15
O MSE A 39 -6.98 0.57 -3.13
CB MSE A 39 -9.71 -0.96 -4.00
CG MSE A 39 -9.85 -0.56 -2.54
SE MSE A 39 -11.66 -0.34 -1.96
CE MSE A 39 -11.40 -0.34 -0.02
N TRP A 40 -7.86 1.30 -5.07
CA TRP A 40 -7.82 2.71 -4.72
C TRP A 40 -9.25 3.20 -4.58
N TYR A 41 -9.44 4.18 -3.70
CA TYR A 41 -10.66 4.97 -3.72
C TYR A 41 -10.31 6.41 -3.42
N SER A 42 -11.12 7.30 -3.99
CA SER A 42 -10.96 8.74 -3.84
C SER A 42 -12.25 9.32 -3.30
N VAL A 43 -12.12 10.21 -2.33
CA VAL A 43 -13.25 10.83 -1.66
C VAL A 43 -13.26 12.30 -2.06
N PRO A 44 -14.33 12.80 -2.65
CA PRO A 44 -14.39 14.23 -3.02
C PRO A 44 -14.32 15.11 -1.78
N PRO A 45 -13.94 16.37 -1.93
CA PRO A 45 -13.90 17.27 -0.78
C PRO A 45 -15.26 17.39 -0.12
N GLY A 46 -15.26 17.38 1.21
CA GLY A 46 -16.49 17.47 1.98
C GLY A 46 -17.38 16.25 1.93
N ASP A 47 -16.88 15.11 1.47
CA ASP A 47 -17.68 13.90 1.34
C ASP A 47 -17.18 12.83 2.30
N GLU A 48 -17.94 11.72 2.40
CA GLU A 48 -17.50 10.62 3.24
C GLU A 48 -18.04 9.29 2.70
N SER A 49 -17.32 8.23 3.02
CA SER A 49 -17.75 6.90 2.63
C SER A 49 -19.00 6.49 3.39
N PRO A 50 -19.83 5.63 2.81
CA PRO A 50 -20.86 4.95 3.62
C PRO A 50 -20.19 4.10 4.69
N ILE A 51 -20.89 3.92 5.81
CA ILE A 51 -20.31 3.12 6.90
C ILE A 51 -19.96 1.73 6.37
N ASP A 52 -18.77 1.26 6.73
CA ASP A 52 -18.25 0.01 6.21
C ASP A 52 -17.86 -0.89 7.37
N GLN A 53 -18.10 -2.19 7.22
CA GLN A 53 -17.72 -3.17 8.24
C GLN A 53 -17.60 -4.53 7.57
N HIS A 54 -16.52 -5.26 7.83
CA HIS A 54 -16.26 -6.51 7.11
C HIS A 54 -15.27 -7.35 7.90
N PRO A 55 -15.28 -8.68 7.71
CA PRO A 55 -14.32 -9.51 8.45
C PRO A 55 -12.88 -9.26 8.05
N GLU A 56 -12.63 -8.75 6.84
CA GLU A 56 -11.26 -8.50 6.44
C GLU A 56 -10.64 -7.40 7.28
N LEU A 57 -9.39 -7.59 7.70
CA LEU A 57 -8.59 -6.46 8.11
C LEU A 57 -8.28 -5.60 6.89
N GLU A 58 -7.99 -4.33 7.12
CA GLU A 58 -7.75 -3.40 6.02
C GLU A 58 -6.62 -2.47 6.39
N LEU A 59 -5.57 -2.47 5.56
CA LEU A 59 -4.47 -1.52 5.65
C LEU A 59 -4.66 -0.48 4.55
N SER A 60 -4.67 0.80 4.95
CA SER A 60 -4.90 1.90 4.02
C SER A 60 -3.71 2.85 4.07
N ILE A 61 -3.20 3.20 2.90
CA ILE A 61 -2.18 4.23 2.76
C ILE A 61 -2.84 5.47 2.19
N VAL A 62 -2.60 6.63 2.81
CA VAL A 62 -3.16 7.86 2.26
C VAL A 62 -2.22 8.35 1.17
N VAL A 63 -2.65 8.19 -0.08
CA VAL A 63 -1.82 8.55 -1.23
C VAL A 63 -1.85 10.06 -1.50
N ALA A 64 -2.98 10.72 -1.25
CA ALA A 64 -3.12 12.15 -1.48
C ALA A 64 -4.18 12.70 -0.53
N GLY A 65 -3.95 13.91 -0.04
CA GLY A 65 -4.92 14.53 0.87
C GLY A 65 -4.79 14.03 2.30
N THR A 66 -5.90 14.18 3.03
CA THR A 66 -5.97 13.86 4.46
C THR A 66 -7.26 13.08 4.76
N ALA A 67 -7.13 11.96 5.47
CA ALA A 67 -8.29 11.19 5.88
C ALA A 67 -8.65 11.49 7.32
N HIS A 68 -9.95 11.61 7.58
CA HIS A 68 -10.52 11.56 8.93
C HIS A 68 -11.32 10.27 9.02
N VAL A 69 -10.83 9.32 9.81
CA VAL A 69 -11.43 8.00 9.92
C VAL A 69 -12.20 7.95 11.23
N THR A 70 -13.51 7.74 11.15
CA THR A 70 -14.31 7.44 12.33
C THR A 70 -14.45 5.93 12.49
N VAL A 71 -13.89 5.39 13.56
CA VAL A 71 -14.07 3.98 13.91
C VAL A 71 -14.82 3.94 15.22
N GLY A 72 -16.02 3.35 15.19
CA GLY A 72 -16.90 3.39 16.33
C GLY A 72 -17.28 4.82 16.65
N ASP A 73 -16.69 5.35 17.72
CA ASP A 73 -17.05 6.66 18.23
C ASP A 73 -15.92 7.68 18.13
N THR A 74 -14.81 7.32 17.48
CA THR A 74 -13.57 8.07 17.58
C THR A 74 -13.04 8.46 16.21
N VAL A 75 -12.65 9.73 16.07
CA VAL A 75 -12.14 10.27 14.82
C VAL A 75 -10.61 10.29 14.87
N HIS A 76 -9.98 9.79 13.82
CA HIS A 76 -8.53 9.78 13.69
C HIS A 76 -8.15 10.49 12.41
N GLU A 77 -7.20 11.40 12.50
CA GLU A 77 -6.72 12.10 11.31
C GLU A 77 -5.47 11.43 10.77
N VAL A 78 -5.47 11.16 9.47
CA VAL A 78 -4.37 10.43 8.85
C VAL A 78 -3.86 11.26 7.68
N PRO A 79 -2.80 12.04 7.85
CA PRO A 79 -2.36 12.93 6.78
C PRO A 79 -1.66 12.15 5.69
N HIS A 80 -1.40 12.87 4.60
CA HIS A 80 -0.77 12.33 3.40
C HIS A 80 0.45 11.48 3.72
N GLY A 81 0.48 10.27 3.18
CA GLY A 81 1.62 9.39 3.31
C GLY A 81 1.57 8.46 4.50
N ASN A 82 0.76 8.76 5.51
CA ASN A 82 0.65 7.84 6.64
C ASN A 82 -0.35 6.73 6.32
N ALA A 83 -0.31 5.69 7.15
CA ALA A 83 -1.13 4.51 6.97
C ALA A 83 -2.02 4.28 8.18
N PHE A 84 -3.14 3.59 7.98
CA PHE A 84 -3.91 3.11 9.11
C PHE A 84 -4.34 1.68 8.88
N LEU A 85 -4.50 0.95 9.97
CA LEU A 85 -4.87 -0.45 9.92
C LEU A 85 -6.15 -0.64 10.71
N LEU A 86 -7.19 -1.16 10.06
CA LEU A 86 -8.48 -1.43 10.68
C LEU A 86 -8.56 -2.89 11.08
N ASN A 87 -8.90 -3.15 12.34
CA ASN A 87 -9.07 -4.52 12.76
C ASN A 87 -10.38 -5.12 12.20
N SER A 88 -10.45 -6.45 12.28
CA SER A 88 -11.57 -7.20 11.74
C SER A 88 -12.89 -6.72 12.34
N LEU A 89 -13.87 -6.47 11.47
CA LEU A 89 -15.26 -6.12 11.82
C LEU A 89 -15.39 -4.77 12.55
N GLU A 90 -14.38 -3.90 12.48
CA GLU A 90 -14.54 -2.56 13.04
C GLU A 90 -15.27 -1.68 12.03
N ALA A 91 -16.41 -1.14 12.43
CA ALA A 91 -17.15 -0.26 11.53
C ALA A 91 -16.37 1.02 11.33
N HIS A 92 -16.32 1.50 10.08
CA HIS A 92 -15.54 2.69 9.80
C HIS A 92 -16.23 3.56 8.78
N VAL A 93 -15.95 4.85 8.87
CA VAL A 93 -16.35 5.87 7.91
C VAL A 93 -15.13 6.70 7.60
N VAL A 94 -14.87 6.95 6.32
CA VAL A 94 -13.75 7.78 5.91
C VAL A 94 -14.29 9.09 5.33
N GLN A 95 -13.95 10.20 5.99
CA GLN A 95 -14.33 11.55 5.55
C GLN A 95 -13.16 12.27 4.95
N ASN A 96 -13.43 13.08 3.94
CA ASN A 96 -12.49 14.07 3.44
C ASN A 96 -13.01 15.43 3.89
N ARG A 97 -12.38 16.01 4.92
CA ARG A 97 -12.83 17.29 5.44
C ARG A 97 -12.20 18.47 4.71
N SER A 98 -11.33 18.21 3.73
CA SER A 98 -10.72 19.29 2.99
C SER A 98 -11.77 20.03 2.19
N ALA A 99 -11.58 21.34 2.05
CA ALA A 99 -12.48 22.14 1.22
C ALA A 99 -12.20 21.97 -0.26
N ASP A 100 -10.98 21.58 -0.65
CA ASP A 100 -10.62 21.55 -2.07
C ASP A 100 -9.75 20.37 -2.51
N GLU A 101 -9.05 19.66 -1.63
CA GLU A 101 -8.11 18.63 -2.05
C GLU A 101 -8.77 17.25 -2.03
N VAL A 102 -8.68 16.54 -3.15
CA VAL A 102 -9.20 15.17 -3.21
C VAL A 102 -8.40 14.27 -2.27
N LEU A 103 -9.10 13.40 -1.55
CA LEU A 103 -8.47 12.37 -0.74
C LEU A 103 -8.38 11.07 -1.55
N THR A 104 -7.18 10.51 -1.66
CA THR A 104 -7.02 9.23 -2.34
C THR A 104 -6.29 8.25 -1.45
N VAL A 105 -6.84 7.05 -1.34
CA VAL A 105 -6.37 6.01 -0.44
C VAL A 105 -6.11 4.73 -1.23
N PHE A 106 -4.99 4.08 -0.95
CA PHE A 106 -4.81 2.71 -1.43
C PHE A 106 -5.06 1.77 -0.27
N SER A 107 -5.98 0.81 -0.45
CA SER A 107 -6.34 -0.15 0.59
C SER A 107 -6.01 -1.57 0.14
N ALA A 108 -5.37 -2.32 1.03
CA ALA A 108 -5.20 -3.77 0.91
C ALA A 108 -5.94 -4.45 2.04
N TYR A 109 -6.63 -5.55 1.74
CA TYR A 109 -7.45 -6.20 2.76
C TYR A 109 -7.40 -7.71 2.59
N TRP A 110 -7.53 -8.41 3.72
CA TRP A 110 -7.37 -9.86 3.76
C TRP A 110 -8.17 -10.42 4.92
N TYR A 111 -8.67 -11.64 4.74
CA TYR A 111 -9.36 -12.29 5.85
C TYR A 111 -8.35 -12.74 6.90
N PRO A 112 -8.72 -12.70 8.18
CA PRO A 112 -7.82 -13.22 9.23
C PRO A 112 -7.30 -14.61 8.94
N GLU A 113 -8.18 -15.55 8.54
CA GLU A 113 -7.71 -16.89 8.20
C GLU A 113 -6.64 -16.86 7.12
N ALA A 114 -6.71 -15.91 6.19
CA ALA A 114 -5.69 -15.85 5.14
C ALA A 114 -4.33 -15.51 5.71
N ALA A 115 -4.29 -14.61 6.70
CA ALA A 115 -3.02 -14.26 7.31
C ALA A 115 -2.51 -15.36 8.23
N THR A 116 -3.41 -16.06 8.92
CA THR A 116 -3.04 -17.26 9.68
C THR A 116 -2.44 -18.31 8.76
N ALA A 117 -3.16 -18.65 7.68
CA ALA A 117 -2.67 -19.68 6.75
C ALA A 117 -1.35 -19.28 6.12
N ALA A 118 -1.14 -17.99 5.88
CA ALA A 118 0.14 -17.53 5.33
C ALA A 118 1.28 -17.81 6.30
N ALA A 119 1.21 -17.24 7.50
CA ALA A 119 2.35 -17.32 8.41
C ALA A 119 2.59 -18.73 8.93
N GLU A 120 1.55 -19.57 9.01
CA GLU A 120 1.77 -20.96 9.37
C GLU A 120 2.50 -21.73 8.26
N ALA A 121 2.51 -21.20 7.05
CA ALA A 121 3.28 -21.80 5.97
C ALA A 121 4.76 -21.45 6.04
N LEU A 122 5.11 -20.33 6.68
CA LEU A 122 6.51 -20.02 6.94
C LEU A 122 6.98 -20.57 8.29
N ALA A 123 6.19 -21.45 8.92
CA ALA A 123 6.60 -22.11 10.15
C ALA A 123 7.34 -23.41 9.84
N ASN B 2 -7.61 -1.88 20.36
CA ASN B 2 -7.15 -2.73 19.27
C ASN B 2 -7.91 -2.46 17.94
N ALA B 3 -8.76 -1.43 17.92
CA ALA B 3 -9.68 -1.21 16.80
C ALA B 3 -8.97 -0.66 15.56
N MSE B 4 -8.17 0.39 15.74
CA MSE B 4 -7.36 0.97 14.67
C MSE B 4 -5.95 1.37 15.17
O MSE B 4 -5.76 1.71 16.33
CB MSE B 4 -8.05 2.19 14.08
CG MSE B 4 -7.51 2.59 12.69
SE MSE B 4 -8.29 4.22 12.09
CE MSE B 4 -6.76 5.42 12.24
N ARG B 5 -4.97 1.32 14.27
CA ARG B 5 -3.64 1.84 14.53
C ARG B 5 -3.24 2.76 13.38
N THR B 6 -2.53 3.84 13.70
CA THR B 6 -2.00 4.78 12.73
C THR B 6 -0.49 4.63 12.69
N PHE B 7 0.07 4.77 11.48
CA PHE B 7 1.51 4.58 11.26
C PHE B 7 2.04 5.81 10.55
N ASP B 8 3.10 6.41 11.11
CA ASP B 8 3.56 7.72 10.68
C ASP B 8 4.97 7.59 10.10
N LEU B 9 5.05 7.86 8.80
CA LEU B 9 6.30 7.84 8.04
C LEU B 9 7.40 8.67 8.69
N VAL B 10 7.04 9.79 9.32
CA VAL B 10 8.04 10.75 9.77
C VAL B 10 8.55 10.41 11.16
N THR B 11 7.69 9.91 12.04
CA THR B 11 8.06 9.65 13.41
C THR B 11 8.52 8.23 13.63
N GLY B 12 8.28 7.32 12.69
CA GLY B 12 8.78 5.96 12.83
C GLY B 12 10.30 5.93 12.90
N GLU B 13 10.83 4.87 13.51
CA GLU B 13 12.27 4.65 13.47
C GLU B 13 12.71 4.40 12.03
N SER B 14 13.92 4.84 11.70
CA SER B 14 14.39 4.68 10.34
C SER B 14 15.83 4.23 10.35
N LEU B 15 16.22 3.55 9.27
CA LEU B 15 17.62 3.37 8.98
C LEU B 15 17.90 3.95 7.60
N PHE B 16 19.17 4.05 7.25
CA PHE B 16 19.59 4.57 5.95
C PHE B 16 20.30 3.48 5.18
N VAL B 17 19.89 3.32 3.92
CA VAL B 17 20.65 2.53 2.95
C VAL B 17 21.27 3.55 2.01
N ASN B 18 22.58 3.70 2.09
CA ASN B 18 23.22 4.87 1.49
C ASN B 18 22.46 6.09 1.98
N ASP B 19 21.96 6.94 1.08
CA ASP B 19 21.16 8.09 1.51
C ASP B 19 19.65 7.86 1.49
N LEU B 20 19.17 6.64 1.23
CA LEU B 20 17.74 6.37 1.25
C LEU B 20 17.28 6.13 2.69
N ARG B 21 16.27 6.87 3.12
CA ARG B 21 15.65 6.68 4.43
C ARG B 21 14.63 5.55 4.35
N VAL B 22 14.87 4.47 5.10
CA VAL B 22 13.98 3.31 5.14
C VAL B 22 13.32 3.26 6.50
N VAL B 23 11.99 3.13 6.50
CA VAL B 23 11.20 2.95 7.71
C VAL B 23 10.59 1.55 7.64
N ARG B 24 11.18 0.59 8.35
CA ARG B 24 10.72 -0.80 8.32
C ARG B 24 9.60 -1.02 9.33
N TRP B 25 8.60 -1.80 8.94
CA TRP B 25 7.44 -1.97 9.83
C TRP B 25 7.65 -3.00 10.94
N GLU B 26 8.75 -3.76 10.93
CA GLU B 26 9.05 -4.65 12.05
C GLU B 26 8.93 -3.92 13.38
N GLN B 27 9.35 -2.64 13.41
CA GLN B 27 9.27 -1.84 14.63
C GLN B 27 7.88 -1.78 15.25
N TYR B 28 6.83 -2.02 14.47
CA TYR B 28 5.46 -1.86 14.96
C TYR B 28 4.92 -3.13 15.63
N GLY B 29 5.68 -4.22 15.65
CA GLY B 29 5.23 -5.43 16.30
C GLY B 29 3.84 -5.88 15.91
N LEU B 30 3.55 -5.96 14.60
CA LEU B 30 2.26 -6.44 14.13
C LEU B 30 2.17 -7.96 14.11
N GLY B 31 3.30 -8.65 14.21
CA GLY B 31 3.27 -10.10 14.28
C GLY B 31 2.80 -10.68 12.96
N THR B 32 1.82 -11.58 13.05
CA THR B 32 1.26 -12.26 11.89
C THR B 32 -0.08 -11.69 11.49
N ALA B 33 -0.46 -10.52 12.02
CA ALA B 33 -1.76 -9.92 11.69
C ALA B 33 -1.89 -9.64 10.19
N MSE B 34 -0.78 -9.28 9.54
CA MSE B 34 -0.74 -9.00 8.10
C MSE B 34 -0.01 -10.14 7.38
O MSE B 34 1.01 -10.61 7.89
CB MSE B 34 -0.03 -7.65 7.82
CG MSE B 34 -0.42 -6.52 8.74
SE MSE B 34 0.02 -4.76 7.98
CE MSE B 34 1.89 -5.10 7.68
N PRO B 35 -0.49 -10.55 6.21
CA PRO B 35 0.18 -11.63 5.48
C PRO B 35 1.36 -11.13 4.67
N PHE B 36 1.99 -10.04 5.10
CA PHE B 36 3.14 -9.50 4.39
C PHE B 36 3.94 -8.63 5.34
N GLN B 37 5.14 -8.27 4.90
CA GLN B 37 5.97 -7.30 5.61
C GLN B 37 5.94 -6.01 4.82
N ALA B 38 6.41 -4.92 5.43
CA ALA B 38 6.20 -3.63 4.79
C ALA B 38 7.21 -2.60 5.26
N MSE B 39 7.36 -1.55 4.45
CA MSE B 39 8.26 -0.47 4.72
C MSE B 39 7.83 0.75 3.92
O MSE B 39 7.12 0.64 2.93
CB MSE B 39 9.70 -0.84 4.34
CG MSE B 39 9.85 -1.12 2.86
SE MSE B 39 11.67 -1.44 2.26
CE MSE B 39 11.24 -2.15 0.49
N TRP B 40 8.26 1.92 4.38
CA TRP B 40 8.39 3.09 3.52
C TRP B 40 9.86 3.27 3.21
N TYR B 41 10.15 3.77 2.02
CA TYR B 41 11.49 4.27 1.82
C TYR B 41 11.39 5.56 1.02
N SER B 42 12.36 6.43 1.20
CA SER B 42 12.40 7.70 0.48
C SER B 42 13.75 7.84 -0.21
N VAL B 43 13.73 8.30 -1.45
CA VAL B 43 14.93 8.43 -2.28
C VAL B 43 15.18 9.91 -2.53
N PRO B 44 16.34 10.44 -2.16
CA PRO B 44 16.63 11.84 -2.44
C PRO B 44 16.66 12.11 -3.94
N PRO B 45 16.39 13.35 -4.35
CA PRO B 45 16.48 13.70 -5.77
C PRO B 45 17.80 13.28 -6.40
N GLY B 46 17.73 12.74 -7.61
CA GLY B 46 18.93 12.33 -8.30
C GLY B 46 19.60 11.09 -7.75
N ASP B 47 19.01 10.43 -6.77
CA ASP B 47 19.61 9.26 -6.16
C ASP B 47 18.92 8.01 -6.67
N GLU B 48 19.44 6.85 -6.28
CA GLU B 48 18.82 5.59 -6.65
C GLU B 48 19.25 4.50 -5.66
N SER B 49 18.41 3.48 -5.54
CA SER B 49 18.66 2.39 -4.62
C SER B 49 19.71 1.45 -5.15
N PRO B 50 20.53 0.88 -4.27
CA PRO B 50 21.38 -0.25 -4.67
C PRO B 50 20.50 -1.34 -5.27
N ILE B 51 21.07 -2.08 -6.23
CA ILE B 51 20.29 -3.08 -6.93
C ILE B 51 19.78 -4.11 -5.93
N ASP B 52 18.53 -4.52 -6.12
CA ASP B 52 17.88 -5.35 -5.12
C ASP B 52 17.28 -6.58 -5.78
N GLN B 53 17.34 -7.71 -5.09
CA GLN B 53 16.82 -8.95 -5.64
C GLN B 53 16.46 -9.88 -4.49
N HIS B 54 15.27 -10.48 -4.54
CA HIS B 54 14.82 -11.26 -3.39
C HIS B 54 13.68 -12.17 -3.81
N PRO B 55 13.49 -13.29 -3.13
CA PRO B 55 12.39 -14.19 -3.51
C PRO B 55 11.00 -13.61 -3.28
N GLU B 56 10.83 -12.69 -2.31
CA GLU B 56 9.54 -12.07 -2.07
C GLU B 56 9.11 -11.27 -3.30
N LEU B 57 7.83 -11.39 -3.66
CA LEU B 57 7.22 -10.39 -4.52
C LEU B 57 7.08 -9.08 -3.74
N GLU B 58 7.08 -7.97 -4.48
CA GLU B 58 7.01 -6.65 -3.86
C GLU B 58 6.02 -5.78 -4.61
N LEU B 59 5.00 -5.32 -3.90
CA LEU B 59 4.06 -4.33 -4.40
C LEU B 59 4.40 -2.98 -3.80
N SER B 60 4.57 -1.97 -4.66
CA SER B 60 4.97 -0.63 -4.23
C SER B 60 3.97 0.40 -4.72
N ILE B 61 3.65 1.34 -3.85
CA ILE B 61 2.79 2.47 -4.20
C ILE B 61 3.61 3.74 -4.00
N VAL B 62 3.58 4.63 -4.98
CA VAL B 62 4.33 5.87 -4.89
C VAL B 62 3.44 6.92 -4.22
N VAL B 63 3.84 7.36 -3.02
CA VAL B 63 3.03 8.33 -2.30
C VAL B 63 3.54 9.76 -2.45
N ALA B 64 4.73 9.96 -3.01
CA ALA B 64 5.19 11.30 -3.34
C ALA B 64 6.32 11.19 -4.35
N GLY B 65 6.40 12.18 -5.25
CA GLY B 65 7.42 12.15 -6.28
C GLY B 65 7.11 11.16 -7.41
N THR B 66 8.15 10.80 -8.15
CA THR B 66 8.07 9.91 -9.32
C THR B 66 9.19 8.89 -9.27
N ALA B 67 8.85 7.61 -9.52
CA ALA B 67 9.85 6.56 -9.58
C ALA B 67 10.16 6.17 -11.02
N HIS B 68 11.44 5.94 -11.31
CA HIS B 68 11.84 5.23 -12.51
C HIS B 68 12.45 3.93 -12.06
N VAL B 69 11.78 2.84 -12.39
CA VAL B 69 12.14 1.51 -11.93
C VAL B 69 12.78 0.78 -13.09
N THR B 70 14.04 0.38 -12.93
CA THR B 70 14.70 -0.45 -13.92
C THR B 70 14.61 -1.90 -13.48
N VAL B 71 13.98 -2.72 -14.31
CA VAL B 71 13.89 -4.16 -14.14
C VAL B 71 14.38 -4.79 -15.42
N GLY B 72 15.48 -5.55 -15.32
CA GLY B 72 16.11 -6.12 -16.50
C GLY B 72 16.62 -5.08 -17.48
N ASP B 73 16.11 -5.12 -18.71
CA ASP B 73 16.46 -4.12 -19.72
C ASP B 73 15.33 -3.12 -19.94
N THR B 74 14.59 -2.78 -18.89
CA THR B 74 13.41 -1.94 -19.04
C THR B 74 13.29 -0.96 -17.89
N VAL B 75 13.10 0.32 -18.22
CA VAL B 75 12.78 1.37 -17.27
C VAL B 75 11.28 1.63 -17.31
N HIS B 76 10.64 1.61 -16.15
CA HIS B 76 9.23 1.90 -16.02
C HIS B 76 9.08 3.15 -15.17
N GLU B 77 8.33 4.13 -15.68
CA GLU B 77 8.07 5.38 -14.98
C GLU B 77 6.79 5.26 -14.17
N VAL B 78 6.88 5.53 -12.87
CA VAL B 78 5.74 5.35 -11.98
C VAL B 78 5.50 6.65 -11.23
N PRO B 79 4.57 7.50 -11.69
CA PRO B 79 4.29 8.75 -10.99
C PRO B 79 3.49 8.53 -9.72
N HIS B 80 3.40 9.62 -8.93
CA HIS B 80 2.67 9.66 -7.66
C HIS B 80 1.26 9.08 -7.81
N GLY B 81 0.91 8.12 -6.93
CA GLY B 81 -0.37 7.49 -6.98
C GLY B 81 -0.37 6.14 -7.68
N ASN B 82 0.51 5.96 -8.67
CA ASN B 82 0.58 4.69 -9.37
C ASN B 82 1.36 3.66 -8.56
N ALA B 83 1.21 2.39 -8.95
CA ALA B 83 1.80 1.28 -8.23
C ALA B 83 2.60 0.41 -9.19
N PHE B 84 3.46 -0.44 -8.63
CA PHE B 84 4.13 -1.45 -9.44
C PHE B 84 4.35 -2.70 -8.60
N LEU B 85 4.36 -3.86 -9.27
CA LEU B 85 4.49 -5.17 -8.64
C LEU B 85 5.70 -5.86 -9.24
N LEU B 86 6.64 -6.27 -8.39
CA LEU B 86 7.83 -6.98 -8.83
C LEU B 86 7.62 -8.46 -8.57
N ASN B 87 7.82 -9.27 -9.61
CA ASN B 87 7.72 -10.72 -9.42
C ASN B 87 8.95 -11.25 -8.68
N SER B 88 8.83 -12.49 -8.22
CA SER B 88 9.86 -13.12 -7.40
C SER B 88 11.20 -13.13 -8.11
N LEU B 89 12.24 -12.72 -7.38
CA LEU B 89 13.65 -12.76 -7.78
C LEU B 89 14.00 -11.86 -8.96
N GLU B 90 13.12 -10.92 -9.33
CA GLU B 90 13.47 -9.98 -10.38
C GLU B 90 14.34 -8.86 -9.81
N ALA B 91 15.54 -8.68 -10.37
CA ALA B 91 16.44 -7.64 -9.88
C ALA B 91 15.89 -6.28 -10.23
N HIS B 92 16.07 -5.31 -9.34
CA HIS B 92 15.47 -4.00 -9.62
C HIS B 92 16.27 -2.88 -8.97
N VAL B 93 16.21 -1.72 -9.61
CA VAL B 93 16.82 -0.49 -9.10
C VAL B 93 15.75 0.58 -9.19
N VAL B 94 15.55 1.32 -8.10
CA VAL B 94 14.56 2.37 -8.09
C VAL B 94 15.27 3.71 -8.06
N GLN B 95 14.92 4.58 -9.00
CA GLN B 95 15.64 5.81 -9.27
C GLN B 95 14.72 7.01 -9.10
N ASN B 96 15.25 8.07 -8.48
CA ASN B 96 14.55 9.35 -8.40
C ASN B 96 15.26 10.30 -9.35
N ARG B 97 14.66 10.52 -10.52
CA ARG B 97 15.25 11.39 -11.53
C ARG B 97 14.89 12.84 -11.33
N SER B 98 14.08 13.14 -10.31
CA SER B 98 13.69 14.51 -10.05
C SER B 98 14.90 15.31 -9.56
N ALA B 99 14.89 16.60 -9.86
CA ALA B 99 15.96 17.45 -9.36
C ALA B 99 15.63 18.08 -8.00
N ASP B 100 14.36 18.06 -7.59
CA ASP B 100 13.95 18.78 -6.38
C ASP B 100 12.93 18.05 -5.52
N GLU B 101 12.26 17.03 -6.02
CA GLU B 101 11.15 16.39 -5.32
C GLU B 101 11.61 15.05 -4.75
N VAL B 102 11.40 14.86 -3.44
CA VAL B 102 11.72 13.58 -2.83
C VAL B 102 10.75 12.52 -3.33
N LEU B 103 11.26 11.31 -3.55
CA LEU B 103 10.44 10.16 -3.94
C LEU B 103 10.20 9.31 -2.71
N THR B 104 8.94 9.12 -2.34
CA THR B 104 8.62 8.27 -1.21
C THR B 104 7.71 7.13 -1.68
N VAL B 105 8.01 5.93 -1.20
CA VAL B 105 7.31 4.74 -1.67
C VAL B 105 6.88 3.93 -0.46
N PHE B 106 5.69 3.34 -0.54
CA PHE B 106 5.26 2.30 0.39
C PHE B 106 5.35 0.94 -0.29
N SER B 107 6.08 -0.01 0.31
CA SER B 107 6.20 -1.36 -0.23
C SER B 107 5.62 -2.38 0.73
N ALA B 108 4.80 -3.28 0.20
CA ALA B 108 4.46 -4.54 0.84
C ALA B 108 5.18 -5.68 0.13
N TYR B 109 5.65 -6.69 0.88
CA TYR B 109 6.37 -7.79 0.26
C TYR B 109 6.14 -9.08 1.04
N TRP B 110 6.18 -10.19 0.30
CA TRP B 110 5.74 -11.48 0.81
C TRP B 110 6.38 -12.59 -0.02
N TYR B 111 6.67 -13.72 0.62
CA TYR B 111 7.15 -14.90 -0.08
C TYR B 111 6.01 -15.55 -0.88
N PRO B 112 6.32 -16.12 -2.06
CA PRO B 112 5.29 -16.80 -2.87
C PRO B 112 4.47 -17.83 -2.11
N GLU B 113 5.12 -18.63 -1.26
CA GLU B 113 4.42 -19.62 -0.46
C GLU B 113 3.32 -18.99 0.39
N ALA B 114 3.61 -17.84 1.01
CA ALA B 114 2.60 -17.16 1.82
C ALA B 114 1.34 -16.86 1.02
N ALA B 115 1.50 -16.42 -0.23
CA ALA B 115 0.34 -16.01 -1.02
C ALA B 115 -0.50 -17.21 -1.43
N THR B 116 0.14 -18.32 -1.81
CA THR B 116 -0.63 -19.50 -2.21
C THR B 116 -1.24 -20.20 -1.00
N ALA B 117 -0.53 -20.22 0.14
CA ALA B 117 -1.12 -20.71 1.38
C ALA B 117 -2.36 -19.90 1.76
N ALA B 118 -2.33 -18.59 1.52
CA ALA B 118 -3.48 -17.76 1.85
C ALA B 118 -4.69 -18.13 1.00
N ALA B 119 -4.49 -18.22 -0.32
CA ALA B 119 -5.62 -18.39 -1.23
C ALA B 119 -6.23 -19.77 -1.13
N GLU B 120 -5.46 -20.78 -0.74
CA GLU B 120 -6.07 -22.09 -0.53
C GLU B 120 -7.01 -22.07 0.67
N ALA B 121 -6.75 -21.19 1.65
CA ALA B 121 -7.68 -21.04 2.77
C ALA B 121 -9.00 -20.44 2.31
N LEU B 122 -8.98 -19.61 1.28
CA LEU B 122 -10.19 -19.10 0.66
C LEU B 122 -10.95 -20.17 -0.13
N ALA B 123 -10.48 -21.42 -0.16
CA ALA B 123 -11.14 -22.47 -0.94
C ALA B 123 -12.05 -23.34 -0.08
C1 EOH C . -12.82 -4.14 2.07
C2 EOH C . -14.06 -4.61 1.32
O EOH C . -12.74 -2.73 2.17
NI NI D . -13.47 -1.17 4.36
C1 PEG E . -14.99 2.54 -0.67
O1 PEG E . -16.31 1.98 -0.65
C2 PEG E . -14.73 3.23 0.66
O2 PEG E . -14.25 2.28 1.60
C3 PEG E . -14.31 2.81 2.93
C4 PEG E . -13.20 2.24 3.80
O4 PEG E . -12.83 0.92 3.36
C1 PEG F . -19.84 -3.22 -4.92
O1 PEG F . -20.31 -3.88 -6.11
C2 PEG F . -18.46 -2.60 -5.16
O2 PEG F . -17.84 -2.22 -3.92
C3 PEG F . -16.41 -2.29 -3.99
C4 PEG F . -15.75 -2.21 -2.61
O4 PEG F . -14.66 -3.17 -2.51
C ACT G . -13.71 -1.73 -10.91
O ACT G . -13.40 -0.95 -9.94
OXT ACT G . -13.62 -2.97 -10.77
CH3 ACT G . -14.20 -1.18 -12.20
C1 EOH H . 11.88 -6.02 0.00
C2 EOH H . 12.86 -6.74 0.92
O EOH H . 12.50 -4.95 -0.69
NI NI I . 13.05 -4.81 -3.26
C1 PEG J . 13.64 -1.31 -4.03
O1 PEG J . 13.04 -2.38 -3.30
C2 PEG J . 14.78 -0.68 -3.22
O2 PEG J . 14.38 -0.51 -1.86
C3 PEG J . 15.46 -0.69 -0.94
C4 PEG J . 14.88 -1.35 0.31
O4 PEG J . 14.39 -2.66 0.01
C1 PEG K . 17.63 -3.03 4.72
O1 PEG K . 16.24 -2.95 4.32
C2 PEG K . 17.74 -3.37 6.20
O2 PEG K . 19.00 -3.94 6.51
C3 PEG K . 19.21 -4.08 7.92
C4 PEG K . 20.13 -5.26 8.20
O4 PEG K . 20.88 -5.07 9.40
#